data_6LX4
#
_entry.id   6LX4
#
_cell.length_a   60.941
_cell.length_b   100.048
_cell.length_c   62.022
_cell.angle_alpha   90.000
_cell.angle_beta   101.610
_cell.angle_gamma   90.000
#
_symmetry.space_group_name_H-M   'P 1 21 1'
#
loop_
_entity.id
_entity.type
_entity.pdbx_description
1 polymer 'Peroxisome proliferator-activated receptor alpha'
2 non-polymer '2-[4-(4-chlorobenzene-1-carbonyl)phenoxy]-2-methylpropanoic acid'
3 water water
#
_entity_poly.entity_id   1
_entity_poly.type   'polypeptide(L)'
_entity_poly.pdbx_seq_one_letter_code
;GSHMTADLKSLAKRIYEAYLKNFNMNKVKARVILSGKASNNPPFVIHDMETLCMAEKTLVAKLVANGIQNKEAEVRIFHC
CQCTSVETVTELTEFAKAIPGFANLDLNDQVTLLKYGVYEAIFAMLSSVMNKDGMLVAYGNGFITREFLKSLRKPFCDIM
EPKFDFAMKFNALELDDSDISLFVAAIICCGDRPGLLNVGHIEKMQEGIVHVLRLHLQSNHPDDIFLFPKLLQKMADLRQ
LVTEHAQLVQIIKKTESDAALHPLLQEIYRDMY
;
_entity_poly.pdbx_strand_id   A,B
#
# COMPACT_ATOMS: atom_id res chain seq x y z
N MET A 4 -6.52 3.10 20.04
CA MET A 4 -6.53 4.56 19.94
C MET A 4 -7.21 5.23 21.16
N THR A 5 -6.39 5.65 22.12
CA THR A 5 -6.86 6.20 23.38
C THR A 5 -7.45 7.60 23.20
N ALA A 6 -8.33 7.99 24.14
CA ALA A 6 -9.01 9.28 24.03
C ALA A 6 -8.03 10.44 23.95
N ASP A 7 -6.93 10.36 24.67
CA ASP A 7 -5.95 11.44 24.62
C ASP A 7 -5.27 11.52 23.25
N LEU A 8 -5.02 10.37 22.62
CA LEU A 8 -4.41 10.39 21.30
C LEU A 8 -5.39 10.96 20.26
N LYS A 9 -6.67 10.59 20.36
CA LYS A 9 -7.67 11.18 19.47
C LYS A 9 -7.75 12.69 19.64
N SER A 10 -7.70 13.16 20.89
CA SER A 10 -7.76 14.60 21.14
C SER A 10 -6.56 15.32 20.55
N LEU A 11 -5.36 14.76 20.69
CA LEU A 11 -4.20 15.38 20.06
C LEU A 11 -4.37 15.46 18.54
N ALA A 12 -4.93 14.42 17.93
CA ALA A 12 -5.12 14.43 16.48
C ALA A 12 -6.09 15.53 16.05
N LYS A 13 -7.19 15.68 16.79
CA LYS A 13 -8.19 16.70 16.46
C LYS A 13 -7.65 18.11 16.69
N ARG A 14 -6.82 18.30 17.73
CA ARG A 14 -6.26 19.62 18.01
C ARG A 14 -5.25 20.02 16.92
N ILE A 15 -4.44 19.07 16.46
CA ILE A 15 -3.56 19.35 15.34
C ILE A 15 -4.37 19.58 14.07
N TYR A 16 -5.42 18.78 13.87
CA TYR A 16 -6.35 19.01 12.76
C TYR A 16 -6.92 20.43 12.83
N GLU A 17 -7.34 20.87 14.02
CA GLU A 17 -7.87 22.22 14.18
C GLU A 17 -6.83 23.28 13.82
N ALA A 18 -5.60 23.12 14.31
CA ALA A 18 -4.57 24.11 14.02
C ALA A 18 -4.29 24.18 12.52
N TYR A 19 -4.29 23.04 11.86
CA TYR A 19 -4.11 22.99 10.41
C TYR A 19 -5.22 23.73 9.68
N LEU A 20 -6.49 23.46 10.05
CA LEU A 20 -7.61 24.15 9.41
C LEU A 20 -7.59 25.64 9.65
N LYS A 21 -7.13 26.08 10.83
CA LYS A 21 -7.14 27.50 11.15
C LYS A 21 -5.94 28.24 10.58
N ASN A 22 -4.89 27.54 10.16
CA ASN A 22 -3.69 28.25 9.73
C ASN A 22 -3.49 28.23 8.23
N PHE A 23 -4.06 27.29 7.51
CA PHE A 23 -3.83 27.17 6.07
C PHE A 23 -5.08 27.63 5.34
N ASN A 24 -4.88 28.58 4.41
CA ASN A 24 -6.01 29.16 3.68
C ASN A 24 -6.70 28.12 2.81
N MET A 25 -5.91 27.24 2.20
CA MET A 25 -6.42 26.19 1.33
C MET A 25 -6.27 24.84 2.00
N ASN A 26 -7.31 24.01 1.94
CA ASN A 26 -7.22 22.64 2.42
C ASN A 26 -7.80 21.70 1.36
N LYS A 27 -7.66 20.40 1.60
CA LYS A 27 -7.97 19.44 0.54
C LYS A 27 -9.46 19.39 0.26
N VAL A 28 -10.28 19.54 1.29
CA VAL A 28 -11.73 19.54 1.07
C VAL A 28 -12.11 20.66 0.09
N LYS A 29 -11.68 21.88 0.36
CA LYS A 29 -12.00 22.98 -0.56
C LYS A 29 -11.41 22.74 -1.94
N ALA A 30 -10.16 22.27 -1.98
CA ALA A 30 -9.50 22.03 -3.27
C ALA A 30 -10.28 21.05 -4.13
N ARG A 31 -10.65 19.90 -3.57
CA ARG A 31 -11.37 18.89 -4.34
C ARG A 31 -12.78 19.36 -4.72
N VAL A 32 -13.41 20.17 -3.89
CA VAL A 32 -14.70 20.76 -4.30
C VAL A 32 -14.53 21.57 -5.57
N ILE A 33 -13.46 22.36 -5.66
CA ILE A 33 -13.25 23.21 -6.85
C ILE A 33 -12.87 22.36 -8.05
N LEU A 34 -11.87 21.48 -7.88
CA LEU A 34 -11.42 20.66 -8.99
C LEU A 34 -12.53 19.77 -9.54
N SER A 35 -13.50 19.39 -8.70
CA SER A 35 -14.55 18.50 -9.17
C SER A 35 -15.69 19.27 -9.84
N GLY A 36 -15.87 20.54 -9.49
CA GLY A 36 -16.91 21.34 -10.11
C GLY A 36 -18.32 20.99 -9.69
N LYS A 37 -18.49 20.44 -8.49
CA LYS A 37 -19.82 20.05 -8.05
C LYS A 37 -20.59 21.20 -7.39
N ALA A 38 -19.91 22.07 -6.65
CA ALA A 38 -20.60 23.13 -5.90
C ALA A 38 -20.76 24.41 -6.69
N SER A 39 -20.50 24.39 -7.99
CA SER A 39 -20.52 25.63 -8.75
C SER A 39 -20.30 25.34 -10.22
N ASN A 40 -20.81 26.26 -11.06
CA ASN A 40 -20.58 26.23 -12.50
C ASN A 40 -19.67 27.38 -12.93
N ASN A 41 -18.91 27.94 -12.00
CA ASN A 41 -18.00 29.06 -12.23
C ASN A 41 -16.58 28.59 -11.92
N PRO A 42 -15.91 27.92 -12.87
CA PRO A 42 -14.63 27.26 -12.55
C PRO A 42 -13.49 28.26 -12.50
N PRO A 43 -12.35 27.88 -11.92
CA PRO A 43 -11.21 28.79 -11.89
C PRO A 43 -10.82 29.23 -13.29
N PHE A 44 -10.22 30.41 -13.38
CA PHE A 44 -9.69 30.87 -14.66
C PHE A 44 -8.46 30.05 -15.02
N VAL A 45 -8.43 29.51 -16.23
CA VAL A 45 -7.39 28.56 -16.62
C VAL A 45 -6.25 29.32 -17.31
N ILE A 46 -5.04 29.16 -16.79
CA ILE A 46 -3.82 29.65 -17.44
C ILE A 46 -3.20 28.46 -18.16
N HIS A 47 -3.34 28.42 -19.49
CA HIS A 47 -2.83 27.30 -20.29
C HIS A 47 -1.85 27.74 -21.36
N ASP A 48 -1.59 29.05 -21.51
CA ASP A 48 -0.67 29.53 -22.54
C ASP A 48 -0.26 30.96 -22.21
N MET A 49 0.62 31.50 -23.05
CA MET A 49 1.16 32.84 -22.77
C MET A 49 0.06 33.89 -22.74
N GLU A 50 -0.95 33.75 -23.60
CA GLU A 50 -1.99 34.77 -23.68
C GLU A 50 -2.87 34.78 -22.43
N THR A 51 -3.34 33.60 -22.00
CA THR A 51 -4.13 33.53 -20.76
C THR A 51 -3.28 33.84 -19.52
N LEU A 52 -1.97 33.61 -19.57
CA LEU A 52 -1.11 34.10 -18.49
C LEU A 52 -1.20 35.62 -18.38
N CYS A 53 -1.01 36.30 -19.52
CA CYS A 53 -1.03 37.75 -19.54
C CYS A 53 -2.38 38.29 -19.10
N MET A 54 -3.47 37.58 -19.46
CA MET A 54 -4.79 38.00 -18.99
C MET A 54 -4.88 37.90 -17.48
N ALA A 55 -4.48 36.75 -16.92
CA ALA A 55 -4.47 36.60 -15.47
C ALA A 55 -3.65 37.68 -14.81
N GLU A 56 -2.48 38.00 -15.39
CA GLU A 56 -1.58 38.99 -14.80
C GLU A 56 -2.16 40.40 -14.82
N LYS A 57 -3.21 40.65 -15.61
CA LYS A 57 -3.88 41.94 -15.48
C LYS A 57 -4.50 42.06 -14.09
N THR A 58 -4.99 40.96 -13.54
CA THR A 58 -5.47 40.96 -12.16
C THR A 58 -4.32 41.11 -11.17
N LEU A 59 -3.18 40.50 -11.49
CA LEU A 59 -2.03 40.51 -10.60
C LEU A 59 -1.11 41.70 -10.83
N VAL A 60 -1.56 42.74 -11.55
CA VAL A 60 -0.66 43.81 -11.95
C VAL A 60 0.01 44.44 -10.73
N ALA A 61 -0.76 44.69 -9.65
CA ALA A 61 -0.19 45.34 -8.47
C ALA A 61 0.87 44.47 -7.78
N LYS A 62 0.65 43.15 -7.77
CA LYS A 62 1.68 42.24 -7.25
C LYS A 62 2.95 42.33 -8.08
N LEU A 63 2.81 42.35 -9.40
CA LEU A 63 3.99 42.42 -10.25
C LEU A 63 4.66 43.78 -10.15
N VAL A 64 3.88 44.86 -10.17
CA VAL A 64 4.44 46.20 -10.14
C VAL A 64 5.10 46.47 -8.79
N ALA A 65 4.61 45.85 -7.72
CA ALA A 65 5.17 46.05 -6.39
C ALA A 65 6.71 45.95 -6.42
N ASN A 66 7.22 44.88 -7.02
CA ASN A 66 8.66 44.63 -7.06
C ASN A 66 9.24 44.84 -8.45
N GLY A 67 8.61 45.66 -9.27
CA GLY A 67 9.15 45.91 -10.60
C GLY A 67 9.40 44.65 -11.40
N ILE A 68 8.51 43.65 -11.25
CA ILE A 68 8.60 42.38 -11.99
C ILE A 68 7.86 42.43 -13.33
N GLN A 69 7.08 43.49 -13.59
CA GLN A 69 6.07 43.44 -14.65
C GLN A 69 6.66 43.36 -16.06
N ASN A 70 7.89 43.80 -16.26
CA ASN A 70 8.53 43.73 -17.57
C ASN A 70 9.55 42.61 -17.66
N LYS A 71 9.56 41.71 -16.67
CA LYS A 71 10.42 40.55 -16.72
C LYS A 71 9.85 39.48 -17.67
N GLU A 72 10.71 38.53 -18.02
CA GLU A 72 10.30 37.38 -18.81
C GLU A 72 9.19 36.60 -18.10
N ALA A 73 8.27 36.03 -18.89
CA ALA A 73 7.10 35.35 -18.33
C ALA A 73 7.50 34.32 -17.27
N GLU A 74 8.54 33.52 -17.54
CA GLU A 74 9.02 32.52 -16.59
C GLU A 74 9.38 33.16 -15.26
N VAL A 75 10.01 34.33 -15.30
CA VAL A 75 10.41 34.98 -14.05
C VAL A 75 9.17 35.46 -13.30
N ARG A 76 8.21 36.04 -14.01
CA ARG A 76 6.99 36.52 -13.37
C ARG A 76 6.25 35.39 -12.70
N ILE A 77 6.05 34.29 -13.43
CA ILE A 77 5.32 33.14 -12.90
C ILE A 77 5.89 32.72 -11.55
N PHE A 78 7.21 32.56 -11.50
CA PHE A 78 7.81 31.98 -10.30
C PHE A 78 8.11 33.04 -9.26
N HIS A 79 8.11 34.32 -9.62
CA HIS A 79 8.00 35.34 -8.59
C HIS A 79 6.71 35.15 -7.80
N CYS A 80 5.58 35.05 -8.49
CA CYS A 80 4.31 34.85 -7.82
C CYS A 80 4.31 33.57 -7.01
N CYS A 81 4.89 32.48 -7.55
CA CYS A 81 4.96 31.22 -6.81
C CYS A 81 5.81 31.36 -5.55
N GLN A 82 6.91 32.10 -5.64
CA GLN A 82 7.70 32.36 -4.43
C GLN A 82 6.86 33.08 -3.38
N CYS A 83 6.09 34.10 -3.79
CA CYS A 83 5.23 34.79 -2.83
C CYS A 83 4.28 33.81 -2.14
N THR A 84 3.79 32.83 -2.89
CA THR A 84 2.91 31.85 -2.28
C THR A 84 3.66 30.97 -1.28
N SER A 85 4.87 30.53 -1.65
CA SER A 85 5.68 29.78 -0.68
C SER A 85 5.91 30.59 0.60
N VAL A 86 6.24 31.87 0.47
CA VAL A 86 6.48 32.70 1.67
C VAL A 86 5.23 32.74 2.55
N GLU A 87 4.06 32.85 1.93
CA GLU A 87 2.81 32.80 2.69
C GLU A 87 2.66 31.47 3.42
N THR A 88 2.89 30.35 2.71
CA THR A 88 2.77 29.04 3.35
C THR A 88 3.80 28.86 4.46
N VAL A 89 5.03 29.36 4.27
CA VAL A 89 6.03 29.28 5.34
C VAL A 89 5.54 30.03 6.59
N THR A 90 4.90 31.17 6.40
CA THR A 90 4.37 31.90 7.55
C THR A 90 3.28 31.09 8.26
N GLU A 91 2.45 30.39 7.49
CA GLU A 91 1.37 29.60 8.07
C GLU A 91 1.91 28.33 8.74
N LEU A 92 2.90 27.68 8.13
CA LEU A 92 3.54 26.54 8.79
C LEU A 92 4.19 26.96 10.11
N THR A 93 4.74 28.16 10.16
CA THR A 93 5.38 28.63 11.39
C THR A 93 4.36 28.80 12.51
N GLU A 94 3.16 29.31 12.21
CA GLU A 94 2.13 29.37 13.24
C GLU A 94 1.63 27.97 13.59
N PHE A 95 1.42 27.13 12.57
CA PHE A 95 0.93 25.78 12.80
C PHE A 95 1.86 25.00 13.74
N ALA A 96 3.17 25.17 13.59
CA ALA A 96 4.12 24.40 14.39
C ALA A 96 3.93 24.65 15.89
N LYS A 97 3.39 25.81 16.26
CA LYS A 97 3.17 26.10 17.68
C LYS A 97 2.23 25.09 18.34
N ALA A 98 1.33 24.47 17.56
CA ALA A 98 0.36 23.53 18.09
C ALA A 98 0.92 22.14 18.29
N ILE A 99 2.08 21.84 17.74
CA ILE A 99 2.75 20.58 18.03
C ILE A 99 3.22 20.59 19.47
N PRO A 100 2.78 19.65 20.30
CA PRO A 100 3.20 19.64 21.72
C PRO A 100 4.71 19.51 21.86
N GLY A 101 5.31 20.49 22.53
CA GLY A 101 6.75 20.52 22.73
C GLY A 101 7.48 21.48 21.82
N PHE A 102 6.95 21.75 20.62
CA PHE A 102 7.67 22.58 19.66
C PHE A 102 8.00 23.95 20.25
N ALA A 103 7.01 24.63 20.81
CA ALA A 103 7.24 25.98 21.32
C ALA A 103 8.25 26.00 22.46
N ASN A 104 8.43 24.90 23.18
CA ASN A 104 9.38 24.84 24.29
C ASN A 104 10.81 24.59 23.83
N LEU A 105 11.02 24.22 22.56
CA LEU A 105 12.37 23.90 22.11
C LEU A 105 13.23 25.16 22.02
N ASP A 106 14.54 24.93 22.09
CA ASP A 106 15.52 25.98 21.81
C ASP A 106 15.15 26.73 20.53
N LEU A 107 15.12 28.06 20.62
CA LEU A 107 14.70 28.86 19.46
C LEU A 107 15.47 28.48 18.20
N ASN A 108 16.78 28.24 18.32
CA ASN A 108 17.57 27.85 17.15
C ASN A 108 17.14 26.49 16.61
N ASP A 109 16.64 25.61 17.48
CA ASP A 109 16.15 24.31 17.05
C ASP A 109 14.82 24.45 16.32
N GLN A 110 13.95 25.33 16.79
CA GLN A 110 12.73 25.65 16.05
C GLN A 110 13.07 26.16 14.66
N VAL A 111 14.01 27.11 14.58
CA VAL A 111 14.42 27.64 13.27
C VAL A 111 14.95 26.52 12.38
N THR A 112 15.75 25.62 12.96
CA THR A 112 16.33 24.56 12.14
C THR A 112 15.25 23.61 11.66
N LEU A 113 14.33 23.24 12.54
CA LEU A 113 13.27 22.31 12.15
C LEU A 113 12.42 22.89 11.02
N LEU A 114 12.11 24.18 11.10
CA LEU A 114 11.36 24.82 10.04
C LEU A 114 12.18 24.97 8.76
N LYS A 115 13.48 25.26 8.90
CA LYS A 115 14.32 25.48 7.73
C LYS A 115 14.27 24.27 6.80
N TYR A 116 14.44 23.07 7.35
CA TYR A 116 14.46 21.85 6.56
C TYR A 116 13.07 21.26 6.36
N GLY A 117 12.11 21.61 7.22
CA GLY A 117 10.79 21.03 7.13
C GLY A 117 9.80 21.73 6.22
N VAL A 118 9.86 23.07 6.08
CA VAL A 118 8.75 23.79 5.44
C VAL A 118 8.55 23.30 4.01
N TYR A 119 9.63 23.09 3.25
CA TYR A 119 9.43 22.74 1.85
C TYR A 119 8.94 21.31 1.68
N GLU A 120 9.31 20.39 2.58
CA GLU A 120 8.72 19.06 2.51
C GLU A 120 7.21 19.16 2.74
N ALA A 121 6.81 19.95 3.74
CA ALA A 121 5.39 20.17 3.99
C ALA A 121 4.73 20.92 2.82
N ILE A 122 5.41 21.90 2.26
CA ILE A 122 4.88 22.64 1.11
C ILE A 122 4.56 21.69 -0.04
N PHE A 123 5.51 20.82 -0.41
CA PHE A 123 5.25 19.94 -1.54
C PHE A 123 4.23 18.84 -1.18
N ALA A 124 4.21 18.42 0.09
CA ALA A 124 3.13 17.54 0.54
C ALA A 124 1.76 18.20 0.35
N MET A 125 1.61 19.44 0.83
CA MET A 125 0.30 20.11 0.79
C MET A 125 -0.06 20.56 -0.62
N LEU A 126 0.93 20.94 -1.42
CA LEU A 126 0.70 21.25 -2.83
C LEU A 126 -0.08 20.15 -3.53
N SER A 127 0.14 18.90 -3.13
CA SER A 127 -0.56 17.79 -3.78
C SER A 127 -2.06 18.00 -3.73
N SER A 128 -2.56 18.64 -2.67
CA SER A 128 -4.00 18.81 -2.49
C SER A 128 -4.61 19.68 -3.58
N VAL A 129 -3.84 20.62 -4.13
CA VAL A 129 -4.37 21.50 -5.16
C VAL A 129 -3.95 21.07 -6.56
N MET A 130 -3.38 19.87 -6.71
CA MET A 130 -2.96 19.36 -8.01
C MET A 130 -3.85 18.22 -8.47
N ASN A 131 -4.11 18.17 -9.78
CA ASN A 131 -4.51 16.93 -10.45
C ASN A 131 -3.54 16.68 -11.61
N LYS A 132 -3.82 15.63 -12.40
CA LYS A 132 -2.89 15.24 -13.45
C LYS A 132 -2.74 16.32 -14.52
N ASP A 133 -3.63 17.30 -14.56
CA ASP A 133 -3.63 18.30 -15.62
C ASP A 133 -3.18 19.69 -15.20
N GLY A 134 -3.03 19.97 -13.91
CA GLY A 134 -2.58 21.28 -13.47
C GLY A 134 -2.82 21.47 -11.98
N MET A 135 -2.64 22.72 -11.54
CA MET A 135 -2.71 23.05 -10.12
C MET A 135 -3.50 24.33 -9.89
N LEU A 136 -4.27 24.33 -8.80
CA LEU A 136 -4.96 25.56 -8.43
C LEU A 136 -3.96 26.58 -7.93
N VAL A 137 -4.20 27.85 -8.26
CA VAL A 137 -3.42 28.99 -7.77
C VAL A 137 -4.37 30.08 -7.29
N ALA A 138 -3.82 31.02 -6.55
CA ALA A 138 -4.58 32.17 -6.03
C ALA A 138 -5.80 31.73 -5.23
N TYR A 139 -5.54 30.93 -4.18
CA TYR A 139 -6.57 30.43 -3.28
C TYR A 139 -7.69 29.73 -4.03
N GLY A 140 -7.33 28.94 -5.04
CA GLY A 140 -8.31 28.17 -5.77
C GLY A 140 -9.01 28.91 -6.91
N ASN A 141 -8.66 30.17 -7.17
CA ASN A 141 -9.37 30.97 -8.17
C ASN A 141 -8.79 30.84 -9.57
N GLY A 142 -7.56 30.35 -9.70
CA GLY A 142 -6.97 30.09 -10.99
C GLY A 142 -6.45 28.67 -11.05
N PHE A 143 -6.13 28.23 -12.26
CA PHE A 143 -5.68 26.87 -12.54
C PHE A 143 -4.63 26.95 -13.63
N ILE A 144 -3.38 26.64 -13.30
CA ILE A 144 -2.29 26.68 -14.27
C ILE A 144 -2.02 25.27 -14.76
N THR A 145 -2.04 25.08 -16.07
CA THR A 145 -1.98 23.70 -16.57
C THR A 145 -0.57 23.16 -16.46
N ARG A 146 -0.50 21.83 -16.32
CA ARG A 146 0.76 21.13 -16.24
C ARG A 146 1.56 21.25 -17.55
N GLU A 147 0.87 21.13 -18.67
CA GLU A 147 1.51 21.25 -19.99
C GLU A 147 2.05 22.66 -20.23
N PHE A 148 1.33 23.68 -19.76
CA PHE A 148 1.87 25.03 -19.90
C PHE A 148 3.18 25.19 -19.15
N LEU A 149 3.26 24.64 -17.92
CA LEU A 149 4.52 24.71 -17.19
C LEU A 149 5.62 23.93 -17.91
N LYS A 150 5.29 22.77 -18.50
CA LYS A 150 6.31 22.01 -19.24
C LYS A 150 6.74 22.70 -20.52
N SER A 151 5.97 23.66 -21.03
CA SER A 151 6.29 24.38 -22.24
C SER A 151 7.17 25.60 -22.02
N LEU A 152 7.47 25.96 -20.76
CA LEU A 152 8.36 27.08 -20.52
C LEU A 152 9.78 26.71 -20.92
N ARG A 153 10.61 27.73 -21.16
CA ARG A 153 12.00 27.44 -21.51
C ARG A 153 12.71 26.80 -20.31
N LYS A 154 13.71 25.97 -20.62
CA LYS A 154 14.56 25.44 -19.57
C LYS A 154 15.30 26.59 -18.89
N PRO A 155 15.60 26.47 -17.58
CA PRO A 155 15.31 25.39 -16.64
C PRO A 155 13.92 25.47 -15.97
N PHE A 156 13.15 26.51 -16.28
CA PHE A 156 11.90 26.74 -15.56
C PHE A 156 10.88 25.63 -15.80
N CYS A 157 10.88 25.03 -17.00
CA CYS A 157 9.94 23.94 -17.29
C CYS A 157 10.22 22.67 -16.48
N ASP A 158 11.37 22.56 -15.83
CA ASP A 158 11.68 21.39 -15.01
C ASP A 158 11.45 21.60 -13.52
N ILE A 159 10.90 22.75 -13.10
CA ILE A 159 10.71 23.00 -11.68
C ILE A 159 9.51 22.23 -11.13
N MET A 160 8.34 22.41 -11.72
CA MET A 160 7.12 21.86 -11.11
C MET A 160 6.82 20.42 -11.53
N GLU A 161 7.24 19.99 -12.72
CA GLU A 161 6.87 18.65 -13.16
C GLU A 161 7.20 17.54 -12.15
N PRO A 162 8.35 17.54 -11.45
CA PRO A 162 8.57 16.50 -10.44
C PRO A 162 7.64 16.63 -9.22
N LYS A 163 7.12 17.83 -8.96
CA LYS A 163 6.11 17.96 -7.92
C LYS A 163 4.78 17.34 -8.34
N PHE A 164 4.37 17.57 -9.59
CA PHE A 164 3.19 16.85 -10.10
C PHE A 164 3.41 15.35 -10.05
N ASP A 165 4.60 14.88 -10.44
CA ASP A 165 4.87 13.45 -10.40
C ASP A 165 4.75 12.91 -8.98
N PHE A 166 5.27 13.65 -8.00
CA PHE A 166 5.11 13.23 -6.61
C PHE A 166 3.64 13.25 -6.20
N ALA A 167 2.89 14.28 -6.62
CA ALA A 167 1.53 14.49 -6.14
C ALA A 167 0.58 13.41 -6.65
N MET A 168 0.75 12.97 -7.90
CA MET A 168 -0.16 11.96 -8.45
C MET A 168 -0.12 10.67 -7.63
N LYS A 169 1.07 10.25 -7.20
CA LYS A 169 1.15 9.05 -6.38
C LYS A 169 0.70 9.33 -4.94
N PHE A 170 1.04 10.51 -4.42
CA PHE A 170 0.57 10.88 -3.10
C PHE A 170 -0.95 10.96 -3.06
N ASN A 171 -1.56 11.59 -4.06
CA ASN A 171 -3.03 11.72 -4.08
C ASN A 171 -3.73 10.37 -4.22
N ALA A 172 -3.08 9.39 -4.87
CA ALA A 172 -3.70 8.06 -4.94
C ALA A 172 -3.85 7.42 -3.56
N LEU A 173 -3.12 7.90 -2.55
CA LEU A 173 -3.30 7.41 -1.19
C LEU A 173 -4.63 7.83 -0.58
N GLU A 174 -5.29 8.84 -1.16
N GLU A 174 -5.27 8.85 -1.14
CA GLU A 174 -6.60 9.30 -0.70
CA GLU A 174 -6.60 9.29 -0.69
C GLU A 174 -6.58 9.78 0.75
C GLU A 174 -6.58 9.78 0.75
N LEU A 175 -5.50 10.47 1.14
CA LEU A 175 -5.47 11.12 2.44
C LEU A 175 -6.54 12.19 2.55
N ASP A 176 -7.03 12.42 3.77
CA ASP A 176 -7.86 13.60 4.01
C ASP A 176 -7.11 14.58 4.90
N ASP A 177 -7.76 15.71 5.20
CA ASP A 177 -7.08 16.78 5.94
C ASP A 177 -6.70 16.35 7.35
N SER A 178 -7.49 15.46 7.97
CA SER A 178 -7.11 14.96 9.29
C SER A 178 -5.80 14.16 9.20
N ASP A 179 -5.63 13.37 8.13
CA ASP A 179 -4.36 12.67 7.91
C ASP A 179 -3.25 13.65 7.59
N ILE A 180 -3.51 14.59 6.68
CA ILE A 180 -2.45 15.47 6.20
C ILE A 180 -1.92 16.35 7.33
N SER A 181 -2.81 16.79 8.23
CA SER A 181 -2.33 17.63 9.34
C SER A 181 -1.29 16.90 10.20
N LEU A 182 -1.52 15.61 10.49
CA LEU A 182 -0.54 14.86 11.28
C LEU A 182 0.72 14.57 10.49
N PHE A 183 0.57 14.30 9.19
CA PHE A 183 1.72 14.11 8.32
C PHE A 183 2.62 15.34 8.32
N VAL A 184 2.03 16.53 8.15
CA VAL A 184 2.81 17.77 8.17
C VAL A 184 3.46 17.97 9.53
N ALA A 185 2.72 17.72 10.61
CA ALA A 185 3.32 17.76 11.94
C ALA A 185 4.50 16.81 12.04
N ALA A 186 4.38 15.60 11.50
CA ALA A 186 5.48 14.64 11.57
C ALA A 186 6.68 15.10 10.76
N ILE A 187 6.42 15.67 9.58
CA ILE A 187 7.50 16.24 8.77
C ILE A 187 8.30 17.27 9.56
N ILE A 188 7.62 18.10 10.35
CA ILE A 188 8.33 19.20 11.03
C ILE A 188 9.19 18.67 12.18
N CYS A 189 8.71 17.66 12.91
CA CYS A 189 9.44 17.10 14.04
C CYS A 189 10.50 16.07 13.66
N CYS A 190 11.25 16.25 12.57
CA CYS A 190 12.24 15.25 12.22
C CYS A 190 13.44 15.40 13.14
N GLY A 191 13.88 14.28 13.74
CA GLY A 191 14.98 14.33 14.68
C GLY A 191 16.36 14.48 14.07
N ASP A 192 16.50 14.21 12.77
CA ASP A 192 17.82 14.17 12.13
C ASP A 192 18.07 15.34 11.18
N ARG A 193 17.55 16.54 11.50
CA ARG A 193 17.97 17.67 10.68
C ARG A 193 19.37 18.11 11.06
N PRO A 194 20.18 18.55 10.09
CA PRO A 194 21.51 19.07 10.41
C PRO A 194 21.43 20.25 11.38
N GLY A 195 22.31 20.24 12.38
CA GLY A 195 22.47 21.37 13.26
C GLY A 195 21.56 21.39 14.47
N LEU A 196 20.82 20.32 14.73
CA LEU A 196 19.98 20.27 15.91
C LEU A 196 20.82 20.33 17.18
N LEU A 197 20.24 20.91 18.24
CA LEU A 197 20.92 21.03 19.53
C LEU A 197 20.48 19.95 20.51
N ASN A 198 19.18 19.81 20.72
CA ASN A 198 18.63 18.86 21.67
C ASN A 198 17.93 17.76 20.89
N VAL A 199 18.72 16.86 20.30
CA VAL A 199 18.16 15.79 19.49
C VAL A 199 17.26 14.89 20.34
N GLY A 200 17.62 14.67 21.60
CA GLY A 200 16.80 13.83 22.45
C GLY A 200 15.41 14.39 22.65
N HIS A 201 15.30 15.68 22.98
CA HIS A 201 13.99 16.29 23.15
C HIS A 201 13.14 16.18 21.88
N ILE A 202 13.76 16.38 20.72
CA ILE A 202 13.02 16.39 19.47
C ILE A 202 12.56 14.98 19.13
N GLU A 203 13.42 13.98 19.29
CA GLU A 203 13.00 12.60 19.05
C GLU A 203 11.83 12.21 19.94
N LYS A 204 11.87 12.64 21.21
CA LYS A 204 10.72 12.43 22.09
C LYS A 204 9.46 13.04 21.48
N MET A 205 9.56 14.27 20.99
CA MET A 205 8.42 14.95 20.38
C MET A 205 7.99 14.25 19.09
N GLN A 206 8.97 13.81 18.30
CA GLN A 206 8.68 13.10 17.06
C GLN A 206 7.96 11.79 17.33
N GLU A 207 8.45 11.03 18.31
CA GLU A 207 7.83 9.74 18.60
C GLU A 207 6.36 9.90 18.97
N GLY A 208 6.00 11.00 19.63
CA GLY A 208 4.62 11.22 19.98
C GLY A 208 3.75 11.51 18.78
N ILE A 209 4.23 12.33 17.86
CA ILE A 209 3.46 12.66 16.66
C ILE A 209 3.36 11.45 15.75
N VAL A 210 4.47 10.73 15.52
CA VAL A 210 4.45 9.55 14.65
C VAL A 210 3.57 8.46 15.24
N HIS A 211 3.54 8.33 16.55
CA HIS A 211 2.64 7.37 17.18
C HIS A 211 1.18 7.76 16.93
N VAL A 212 0.81 9.02 17.17
CA VAL A 212 -0.56 9.45 16.90
C VAL A 212 -0.87 9.28 15.43
N LEU A 213 0.07 9.62 14.54
CA LEU A 213 -0.18 9.46 13.11
C LEU A 213 -0.48 8.00 12.77
N ARG A 214 0.37 7.07 13.23
CA ARG A 214 0.15 5.67 12.86
C ARG A 214 -1.23 5.21 13.29
N LEU A 215 -1.60 5.47 14.55
CA LEU A 215 -2.89 4.98 15.04
C LEU A 215 -4.04 5.72 14.39
N HIS A 216 -3.85 7.01 14.07
CA HIS A 216 -4.88 7.73 13.33
C HIS A 216 -5.12 7.09 11.97
N LEU A 217 -4.05 6.79 11.25
CA LEU A 217 -4.19 6.16 9.94
C LEU A 217 -4.85 4.78 10.07
N GLN A 218 -4.46 4.00 11.08
CA GLN A 218 -5.08 2.68 11.24
C GLN A 218 -6.57 2.81 11.55
N SER A 219 -6.97 3.86 12.24
CA SER A 219 -8.38 4.07 12.57
C SER A 219 -9.15 4.68 11.39
N ASN A 220 -8.52 5.58 10.64
CA ASN A 220 -9.24 6.35 9.64
C ASN A 220 -9.23 5.67 8.27
N HIS A 221 -8.21 4.86 7.99
CA HIS A 221 -8.12 4.06 6.76
C HIS A 221 -7.89 2.60 7.13
N PRO A 222 -8.86 1.97 7.81
CA PRO A 222 -8.64 0.57 8.25
C PRO A 222 -8.40 -0.39 7.10
N ASP A 223 -8.92 -0.10 5.92
CA ASP A 223 -8.74 -0.98 4.78
C ASP A 223 -7.46 -0.73 3.98
N ASP A 224 -6.71 0.34 4.29
CA ASP A 224 -5.37 0.55 3.70
C ASP A 224 -4.36 0.19 4.80
N ILE A 225 -4.10 -1.12 4.90
CA ILE A 225 -3.48 -1.67 6.10
C ILE A 225 -2.07 -1.11 6.32
N PHE A 226 -1.26 -0.98 5.25
CA PHE A 226 0.10 -0.49 5.38
C PHE A 226 0.22 0.99 4.96
N LEU A 227 -0.84 1.77 5.15
CA LEU A 227 -0.78 3.17 4.77
C LEU A 227 0.30 3.92 5.55
N PHE A 228 0.45 3.62 6.85
CA PHE A 228 1.52 4.29 7.61
C PHE A 228 2.88 4.01 6.99
N PRO A 229 3.31 2.77 6.81
CA PRO A 229 4.56 2.52 6.06
C PRO A 229 4.65 3.24 4.72
N LYS A 230 3.58 3.26 3.93
CA LYS A 230 3.60 3.99 2.66
C LYS A 230 3.93 5.47 2.88
N LEU A 231 3.37 6.07 3.93
CA LEU A 231 3.62 7.49 4.19
C LEU A 231 5.01 7.74 4.75
N LEU A 232 5.57 6.78 5.48
CA LEU A 232 6.98 6.89 5.84
C LEU A 232 7.83 6.99 4.60
N GLN A 233 7.53 6.19 3.58
CA GLN A 233 8.30 6.29 2.34
C GLN A 233 8.10 7.65 1.66
N LYS A 234 6.88 8.18 1.68
CA LYS A 234 6.66 9.51 1.09
C LYS A 234 7.47 10.57 1.81
N MET A 235 7.61 10.45 3.13
CA MET A 235 8.45 11.39 3.84
C MET A 235 9.86 11.34 3.31
N ALA A 236 10.37 10.14 3.02
CA ALA A 236 11.70 9.99 2.44
C ALA A 236 11.73 10.54 1.01
N ASP A 237 10.67 10.30 0.22
CA ASP A 237 10.62 10.86 -1.12
C ASP A 237 10.62 12.40 -1.07
N LEU A 238 9.89 12.97 -0.12
CA LEU A 238 9.83 14.42 -0.05
C LEU A 238 11.19 15.02 0.28
N ARG A 239 11.93 14.41 1.22
CA ARG A 239 13.27 14.90 1.54
C ARG A 239 14.18 14.86 0.31
N GLN A 240 14.03 13.82 -0.52
CA GLN A 240 14.79 13.77 -1.76
C GLN A 240 14.29 14.81 -2.76
N LEU A 241 12.96 14.96 -2.86
CA LEU A 241 12.37 15.98 -3.73
C LEU A 241 12.85 17.37 -3.36
N VAL A 242 12.91 17.67 -2.06
CA VAL A 242 13.37 18.98 -1.62
C VAL A 242 14.86 19.16 -1.89
N THR A 243 15.66 18.11 -1.69
CA THR A 243 17.10 18.22 -1.97
C THR A 243 17.35 18.56 -3.42
N GLU A 244 16.61 17.90 -4.33
CA GLU A 244 16.72 18.21 -5.75
C GLU A 244 16.21 19.61 -6.06
N HIS A 245 15.10 20.01 -5.43
CA HIS A 245 14.58 21.36 -5.66
C HIS A 245 15.61 22.43 -5.26
N ALA A 246 16.22 22.26 -4.08
CA ALA A 246 17.27 23.19 -3.63
C ALA A 246 18.41 23.26 -4.64
N GLN A 247 18.83 22.11 -5.19
CA GLN A 247 19.86 22.10 -6.22
C GLN A 247 19.41 22.83 -7.48
N LEU A 248 18.14 22.73 -7.82
CA LEU A 248 17.65 23.47 -8.99
C LEU A 248 17.61 24.96 -8.70
N VAL A 249 17.14 25.35 -7.51
CA VAL A 249 17.17 26.76 -7.12
C VAL A 249 18.59 27.31 -7.22
N GLN A 250 19.57 26.52 -6.80
CA GLN A 250 20.96 26.93 -6.88
C GLN A 250 21.41 27.15 -8.32
N ILE A 251 20.95 26.31 -9.25
CA ILE A 251 21.37 26.45 -10.63
C ILE A 251 20.76 27.69 -11.28
N ILE A 252 19.50 27.98 -10.96
CA ILE A 252 18.88 29.21 -11.42
C ILE A 252 19.64 30.42 -10.89
N LYS A 253 19.97 30.40 -9.59
CA LYS A 253 20.71 31.51 -8.99
C LYS A 253 22.01 31.79 -9.75
N LYS A 254 22.68 30.73 -10.22
CA LYS A 254 23.97 30.87 -10.88
C LYS A 254 23.87 31.21 -12.37
N THR A 255 22.77 30.82 -13.04
CA THR A 255 22.70 30.95 -14.49
C THR A 255 21.69 31.97 -14.99
N GLU A 256 20.81 32.48 -14.13
CA GLU A 256 19.74 33.39 -14.55
C GLU A 256 19.97 34.76 -13.91
N SER A 257 20.37 35.73 -14.72
CA SER A 257 20.81 37.00 -14.17
C SER A 257 19.65 37.85 -13.65
N ASP A 258 18.48 37.75 -14.30
CA ASP A 258 17.36 38.66 -14.09
C ASP A 258 16.29 38.10 -13.16
N ALA A 259 16.56 36.98 -12.49
CA ALA A 259 15.65 36.39 -11.51
C ALA A 259 16.18 36.61 -10.11
N ALA A 260 15.29 36.98 -9.19
CA ALA A 260 15.66 37.39 -7.83
C ALA A 260 15.04 36.43 -6.84
N LEU A 261 15.83 35.98 -5.85
CA LEU A 261 15.29 35.07 -4.84
C LEU A 261 14.64 35.89 -3.73
N HIS A 262 13.35 35.63 -3.49
CA HIS A 262 12.57 36.40 -2.53
C HIS A 262 13.37 36.58 -1.24
N PRO A 263 13.46 37.81 -0.70
CA PRO A 263 14.24 38.03 0.52
C PRO A 263 13.89 37.04 1.62
N LEU A 264 12.61 36.74 1.77
CA LEU A 264 12.13 35.93 2.88
C LEU A 264 12.30 34.43 2.66
N LEU A 265 12.86 34.00 1.51
CA LEU A 265 13.25 32.61 1.28
C LEU A 265 14.76 32.42 1.18
N GLN A 266 15.54 33.52 1.06
CA GLN A 266 16.98 33.38 0.94
C GLN A 266 17.57 32.65 2.14
N GLU A 267 17.07 32.97 3.34
CA GLU A 267 17.61 32.38 4.55
C GLU A 267 17.30 30.88 4.63
N ILE A 268 16.10 30.47 4.21
CA ILE A 268 15.77 29.04 4.20
C ILE A 268 16.76 28.27 3.33
N TYR A 269 17.04 28.78 2.13
CA TYR A 269 17.87 28.04 1.21
C TYR A 269 19.36 28.12 1.54
N ARG A 270 19.79 29.21 2.17
CA ARG A 270 21.20 29.40 2.52
C ARG A 270 21.78 28.18 3.23
N ASP A 271 22.73 27.50 2.57
CA ASP A 271 23.44 26.37 3.17
C ASP A 271 22.51 25.20 3.53
N MET A 272 21.39 25.06 2.83
CA MET A 272 20.47 23.99 3.19
C MET A 272 21.12 22.63 2.90
N TYR A 273 21.28 22.30 1.63
CA TYR A 273 21.83 20.99 1.29
C TYR A 273 23.15 21.10 0.52
N MET B 4 -24.59 -30.27 -19.53
CA MET B 4 -24.83 -30.24 -18.09
C MET B 4 -26.31 -30.11 -17.74
N THR B 5 -26.85 -31.11 -17.05
CA THR B 5 -28.22 -31.07 -16.56
C THR B 5 -28.35 -30.07 -15.41
N ALA B 6 -29.59 -29.65 -15.14
CA ALA B 6 -29.84 -28.53 -14.24
C ALA B 6 -29.27 -28.78 -12.84
N ASP B 7 -29.39 -30.01 -12.35
CA ASP B 7 -28.83 -30.31 -11.03
C ASP B 7 -27.32 -30.05 -11.00
N LEU B 8 -26.62 -30.29 -12.12
CA LEU B 8 -25.18 -30.10 -12.14
C LEU B 8 -24.81 -28.62 -12.14
N LYS B 9 -25.52 -27.80 -12.92
CA LYS B 9 -25.12 -26.39 -13.00
C LYS B 9 -25.39 -25.65 -11.70
N SER B 10 -26.37 -26.12 -10.93
CA SER B 10 -26.65 -25.49 -9.64
C SER B 10 -25.71 -25.98 -8.56
N LEU B 11 -25.22 -27.23 -8.64
CA LEU B 11 -24.11 -27.64 -7.77
C LEU B 11 -22.88 -26.77 -8.04
N ALA B 12 -22.53 -26.57 -9.30
CA ALA B 12 -21.38 -25.73 -9.62
C ALA B 12 -21.57 -24.33 -9.07
N LYS B 13 -22.79 -23.80 -9.18
CA LYS B 13 -23.08 -22.46 -8.68
C LYS B 13 -23.00 -22.41 -7.16
N ARG B 14 -23.57 -23.41 -6.49
CA ARG B 14 -23.49 -23.49 -5.04
C ARG B 14 -22.03 -23.51 -4.57
N ILE B 15 -21.19 -24.34 -5.20
CA ILE B 15 -19.77 -24.41 -4.85
C ILE B 15 -19.09 -23.06 -5.08
N TYR B 16 -19.39 -22.41 -6.20
CA TYR B 16 -18.76 -21.13 -6.51
C TYR B 16 -19.14 -20.08 -5.46
N GLU B 17 -20.41 -20.04 -5.06
CA GLU B 17 -20.83 -19.02 -4.11
C GLU B 17 -20.28 -19.29 -2.71
N ALA B 18 -20.18 -20.57 -2.31
CA ALA B 18 -19.52 -20.87 -1.04
C ALA B 18 -18.08 -20.42 -1.07
N TYR B 19 -17.42 -20.58 -2.22
N TYR B 19 -17.42 -20.58 -2.22
CA TYR B 19 -16.05 -20.12 -2.38
CA TYR B 19 -16.05 -20.12 -2.36
C TYR B 19 -15.95 -18.61 -2.20
C TYR B 19 -15.96 -18.61 -2.18
N LEU B 20 -16.82 -17.86 -2.89
CA LEU B 20 -16.80 -16.41 -2.80
C LEU B 20 -17.14 -15.93 -1.39
N LYS B 21 -18.01 -16.64 -0.69
CA LYS B 21 -18.41 -16.26 0.66
C LYS B 21 -17.35 -16.58 1.69
N ASN B 22 -16.60 -17.67 1.51
CA ASN B 22 -15.71 -18.09 2.59
C ASN B 22 -14.29 -17.58 2.48
N PHE B 23 -13.83 -17.18 1.30
CA PHE B 23 -12.42 -16.85 1.14
C PHE B 23 -12.28 -15.36 0.98
N ASN B 24 -11.49 -14.75 1.88
CA ASN B 24 -11.33 -13.31 1.93
C ASN B 24 -10.82 -12.77 0.59
N MET B 25 -9.85 -13.45 -0.01
CA MET B 25 -9.26 -13.02 -1.27
C MET B 25 -9.68 -13.98 -2.37
N ASN B 26 -10.14 -13.43 -3.49
CA ASN B 26 -10.43 -14.22 -4.69
C ASN B 26 -9.59 -13.71 -5.86
N LYS B 27 -9.54 -14.51 -6.92
CA LYS B 27 -8.61 -14.23 -7.99
C LYS B 27 -8.95 -12.93 -8.72
N VAL B 28 -10.24 -12.64 -8.91
CA VAL B 28 -10.63 -11.39 -9.55
C VAL B 28 -10.06 -10.19 -8.79
N LYS B 29 -10.24 -10.17 -7.46
CA LYS B 29 -9.72 -9.06 -6.65
C LYS B 29 -8.19 -9.04 -6.67
N ALA B 30 -7.57 -10.20 -6.59
CA ALA B 30 -6.11 -10.24 -6.60
C ALA B 30 -5.56 -9.70 -7.91
N ARG B 31 -6.17 -10.08 -9.04
CA ARG B 31 -5.61 -9.71 -10.33
C ARG B 31 -5.63 -8.19 -10.55
N VAL B 32 -6.72 -7.52 -10.16
CA VAL B 32 -6.77 -6.07 -10.27
C VAL B 32 -5.65 -5.42 -9.44
N ILE B 33 -5.41 -5.93 -8.22
CA ILE B 33 -4.32 -5.39 -7.42
C ILE B 33 -2.98 -5.64 -8.12
N LEU B 34 -2.76 -6.85 -8.63
CA LEU B 34 -1.47 -7.16 -9.24
C LEU B 34 -1.22 -6.38 -10.52
N SER B 35 -2.27 -5.98 -11.22
CA SER B 35 -2.10 -5.06 -12.34
C SER B 35 -2.16 -3.62 -11.82
N GLY B 36 -3.30 -2.97 -12.04
CA GLY B 36 -3.49 -1.58 -11.63
C GLY B 36 -4.82 -1.03 -12.10
N SER B 39 -6.86 0.90 -9.69
CA SER B 39 -6.34 1.81 -8.67
C SER B 39 -4.87 2.17 -8.90
N ASN B 40 -4.50 3.37 -8.46
CA ASN B 40 -3.10 3.76 -8.40
C ASN B 40 -2.54 3.69 -6.99
N ASN B 41 -3.29 3.13 -6.04
CA ASN B 41 -2.81 2.98 -4.67
C ASN B 41 -2.27 1.56 -4.48
N PRO B 42 -1.02 1.30 -4.82
CA PRO B 42 -0.54 -0.09 -4.84
C PRO B 42 -0.31 -0.61 -3.43
N PRO B 43 -0.17 -1.92 -3.28
CA PRO B 43 0.19 -2.45 -1.96
C PRO B 43 1.59 -1.98 -1.59
N PHE B 44 1.84 -1.85 -0.28
CA PHE B 44 3.19 -1.61 0.20
C PHE B 44 4.11 -2.77 -0.18
N VAL B 45 5.28 -2.47 -0.75
CA VAL B 45 6.16 -3.51 -1.27
C VAL B 45 7.24 -3.84 -0.25
N ILE B 46 7.33 -5.11 0.11
CA ILE B 46 8.35 -5.64 1.01
C ILE B 46 9.39 -6.33 0.13
N HIS B 47 10.53 -5.67 -0.09
CA HIS B 47 11.57 -6.18 -0.99
C HIS B 47 12.94 -6.30 -0.33
N ASP B 48 13.09 -5.86 0.91
CA ASP B 48 14.36 -5.96 1.60
C ASP B 48 14.08 -5.84 3.09
N MET B 49 15.14 -5.90 3.89
CA MET B 49 14.97 -5.86 5.34
C MET B 49 14.41 -4.53 5.80
N GLU B 50 14.82 -3.42 5.17
CA GLU B 50 14.32 -2.12 5.62
C GLU B 50 12.82 -1.99 5.38
N THR B 51 12.34 -2.44 4.22
CA THR B 51 10.90 -2.32 3.99
C THR B 51 10.13 -3.36 4.80
N LEU B 52 10.73 -4.53 5.09
CA LEU B 52 10.09 -5.45 6.02
C LEU B 52 9.86 -4.80 7.38
N CYS B 53 10.90 -4.18 7.94
CA CYS B 53 10.76 -3.57 9.26
C CYS B 53 9.74 -2.42 9.25
N MET B 54 9.64 -1.69 8.13
CA MET B 54 8.61 -0.64 8.04
C MET B 54 7.22 -1.24 8.06
N ALA B 55 6.96 -2.26 7.22
CA ALA B 55 5.68 -2.96 7.29
C ALA B 55 5.41 -3.48 8.70
N GLU B 56 6.45 -3.98 9.37
CA GLU B 56 6.21 -4.55 10.70
C GLU B 56 5.83 -3.50 11.74
N LYS B 57 6.10 -2.21 11.50
CA LYS B 57 5.59 -1.18 12.40
C LYS B 57 4.07 -1.21 12.47
N THR B 58 3.41 -1.57 11.37
CA THR B 58 1.96 -1.71 11.37
C THR B 58 1.52 -2.93 12.16
N LEU B 59 2.36 -3.97 12.19
CA LEU B 59 2.03 -5.26 12.80
C LEU B 59 2.58 -5.39 14.22
N VAL B 60 3.01 -4.30 14.85
CA VAL B 60 3.65 -4.39 16.16
C VAL B 60 2.74 -5.07 17.17
N ALA B 61 1.45 -4.71 17.20
CA ALA B 61 0.56 -5.31 18.19
C ALA B 61 0.47 -6.83 17.99
N LYS B 62 0.35 -7.28 16.75
CA LYS B 62 0.38 -8.70 16.46
C LYS B 62 1.68 -9.34 16.94
N LEU B 63 2.83 -8.76 16.54
CA LEU B 63 4.12 -9.37 16.86
C LEU B 63 4.37 -9.38 18.36
N VAL B 64 3.99 -8.31 19.07
CA VAL B 64 4.18 -8.28 20.52
C VAL B 64 3.30 -9.32 21.21
N ALA B 65 2.06 -9.46 20.74
CA ALA B 65 1.13 -10.40 21.34
C ALA B 65 1.69 -11.82 21.34
N ASN B 66 2.41 -12.19 20.27
CA ASN B 66 2.98 -13.53 20.15
C ASN B 66 4.44 -13.58 20.57
N GLY B 67 4.99 -12.48 21.10
CA GLY B 67 6.34 -12.48 21.62
C GLY B 67 7.43 -12.72 20.60
N ILE B 68 7.19 -12.46 19.32
CA ILE B 68 8.22 -12.70 18.31
C ILE B 68 8.75 -11.39 17.72
N GLN B 69 8.40 -10.24 18.31
CA GLN B 69 8.85 -8.97 17.74
C GLN B 69 10.36 -8.88 17.69
N ASN B 70 11.06 -9.61 18.55
CA ASN B 70 12.52 -9.59 18.61
C ASN B 70 13.16 -10.85 18.03
N LYS B 71 12.38 -11.71 17.38
CA LYS B 71 12.93 -12.89 16.73
C LYS B 71 13.63 -12.49 15.43
N GLU B 72 14.36 -13.45 14.87
CA GLU B 72 15.01 -13.27 13.59
C GLU B 72 13.98 -12.98 12.49
N ALA B 73 14.37 -12.11 11.54
CA ALA B 73 13.46 -11.71 10.47
C ALA B 73 12.77 -12.91 9.81
N GLU B 74 13.54 -13.94 9.43
CA GLU B 74 12.96 -15.12 8.81
C GLU B 74 11.84 -15.71 9.66
N VAL B 75 12.01 -15.73 10.98
CA VAL B 75 11.01 -16.32 11.86
C VAL B 75 9.76 -15.43 11.94
N ARG B 76 9.94 -14.10 11.96
CA ARG B 76 8.80 -13.19 12.01
C ARG B 76 7.95 -13.33 10.74
N ILE B 77 8.62 -13.37 9.59
CA ILE B 77 7.94 -13.51 8.31
C ILE B 77 7.07 -14.76 8.32
N PHE B 78 7.69 -15.92 8.58
CA PHE B 78 6.92 -17.15 8.46
C PHE B 78 6.02 -17.42 9.65
N HIS B 79 6.16 -16.66 10.73
CA HIS B 79 5.09 -16.69 11.73
C HIS B 79 3.81 -16.09 11.16
N CYS B 80 3.92 -14.91 10.53
CA CYS B 80 2.75 -14.30 9.90
C CYS B 80 2.21 -15.18 8.80
N CYS B 81 3.09 -15.83 8.03
CA CYS B 81 2.61 -16.73 6.99
C CYS B 81 1.84 -17.90 7.60
N GLN B 82 2.34 -18.44 8.71
CA GLN B 82 1.59 -19.48 9.42
C GLN B 82 0.21 -18.99 9.83
N CYS B 83 0.14 -17.78 10.41
CA CYS B 83 -1.17 -17.27 10.82
C CYS B 83 -2.13 -17.17 9.65
N THR B 84 -1.63 -16.82 8.46
CA THR B 84 -2.49 -16.77 7.29
C THR B 84 -2.91 -18.19 6.87
N SER B 85 -2.00 -19.16 6.95
CA SER B 85 -2.37 -20.56 6.72
C SER B 85 -3.51 -20.98 7.66
N VAL B 86 -3.40 -20.60 8.93
CA VAL B 86 -4.42 -20.96 9.92
C VAL B 86 -5.77 -20.40 9.52
N GLU B 87 -5.79 -19.13 9.11
CA GLU B 87 -7.03 -18.49 8.66
C GLU B 87 -7.62 -19.21 7.44
N THR B 88 -6.78 -19.61 6.48
CA THR B 88 -7.29 -20.30 5.31
C THR B 88 -7.80 -21.70 5.64
N VAL B 89 -7.11 -22.42 6.53
CA VAL B 89 -7.64 -23.70 7.02
C VAL B 89 -9.05 -23.51 7.59
N THR B 90 -9.25 -22.48 8.42
CA THR B 90 -10.58 -22.23 8.97
C THR B 90 -11.62 -22.05 7.87
N GLU B 91 -11.25 -21.30 6.83
CA GLU B 91 -12.13 -20.99 5.72
C GLU B 91 -12.39 -22.22 4.86
N LEU B 92 -11.36 -23.04 4.64
CA LEU B 92 -11.55 -24.31 3.94
C LEU B 92 -12.47 -25.23 4.73
N THR B 93 -12.35 -25.21 6.06
CA THR B 93 -13.21 -26.06 6.87
C THR B 93 -14.67 -25.66 6.72
N GLU B 94 -14.97 -24.35 6.71
CA GLU B 94 -16.33 -23.89 6.44
C GLU B 94 -16.74 -24.20 5.01
N PHE B 95 -15.88 -23.89 4.04
CA PHE B 95 -16.19 -24.16 2.64
C PHE B 95 -16.58 -25.62 2.43
N ALA B 96 -15.87 -26.54 3.08
CA ALA B 96 -16.13 -27.97 2.86
C ALA B 96 -17.58 -28.34 3.13
N LYS B 97 -18.26 -27.62 4.04
CA LYS B 97 -19.66 -27.93 4.35
C LYS B 97 -20.58 -27.77 3.14
N ALA B 98 -20.22 -26.93 2.18
CA ALA B 98 -21.08 -26.75 1.00
C ALA B 98 -20.90 -27.85 -0.04
N ILE B 99 -19.99 -28.80 0.18
CA ILE B 99 -19.80 -29.94 -0.72
C ILE B 99 -20.85 -31.00 -0.39
N PRO B 100 -21.75 -31.34 -1.31
CA PRO B 100 -22.78 -32.34 -1.00
C PRO B 100 -22.16 -33.66 -0.57
N GLY B 101 -22.62 -34.17 0.58
CA GLY B 101 -22.10 -35.39 1.15
C GLY B 101 -21.03 -35.20 2.21
N PHE B 102 -20.34 -34.06 2.22
CA PHE B 102 -19.21 -33.92 3.14
C PHE B 102 -19.68 -33.85 4.59
N ALA B 103 -20.69 -33.03 4.89
CA ALA B 103 -21.12 -32.97 6.28
C ALA B 103 -21.72 -34.30 6.75
N ASN B 104 -22.18 -35.14 5.81
CA ASN B 104 -22.72 -36.45 6.14
C ASN B 104 -21.65 -37.45 6.55
N LEU B 105 -20.40 -37.21 6.18
CA LEU B 105 -19.36 -38.19 6.45
C LEU B 105 -19.12 -38.33 7.94
N ASP B 106 -18.65 -39.51 8.33
CA ASP B 106 -18.07 -39.72 9.64
C ASP B 106 -17.09 -38.59 9.98
N LEU B 107 -17.17 -38.09 11.22
CA LEU B 107 -16.34 -36.95 11.61
C LEU B 107 -14.86 -37.23 11.39
N ASN B 108 -14.39 -38.43 11.77
CA ASN B 108 -12.99 -38.76 11.56
C ASN B 108 -12.59 -38.64 10.10
N ASP B 109 -13.50 -39.02 9.19
CA ASP B 109 -13.18 -38.93 7.76
C ASP B 109 -13.14 -37.48 7.31
N GLN B 110 -14.07 -36.65 7.80
CA GLN B 110 -14.00 -35.21 7.54
C GLN B 110 -12.66 -34.66 7.99
N VAL B 111 -12.21 -35.03 9.19
CA VAL B 111 -10.95 -34.50 9.69
C VAL B 111 -9.80 -34.99 8.83
N THR B 112 -9.86 -36.25 8.38
CA THR B 112 -8.77 -36.75 7.56
C THR B 112 -8.73 -36.06 6.21
N LEU B 113 -9.89 -35.90 5.59
CA LEU B 113 -9.94 -35.20 4.31
C LEU B 113 -9.33 -33.82 4.41
N LEU B 114 -9.63 -33.10 5.51
CA LEU B 114 -9.13 -31.73 5.67
C LEU B 114 -7.65 -31.72 6.04
N LYS B 115 -7.23 -32.65 6.90
CA LYS B 115 -5.82 -32.74 7.29
C LYS B 115 -4.91 -32.83 6.07
N TYR B 116 -5.24 -33.71 5.11
CA TYR B 116 -4.40 -33.91 3.94
C TYR B 116 -4.74 -32.98 2.78
N GLY B 117 -5.93 -32.40 2.76
CA GLY B 117 -6.27 -31.57 1.63
C GLY B 117 -5.99 -30.09 1.78
N VAL B 118 -5.93 -29.57 3.03
CA VAL B 118 -5.92 -28.11 3.16
C VAL B 118 -4.69 -27.51 2.48
N TYR B 119 -3.53 -28.18 2.57
CA TYR B 119 -2.34 -27.54 2.00
C TYR B 119 -2.26 -27.67 0.50
N GLU B 120 -2.85 -28.73 -0.08
CA GLU B 120 -3.02 -28.75 -1.53
C GLU B 120 -3.90 -27.59 -1.99
N ALA B 121 -5.04 -27.42 -1.31
CA ALA B 121 -5.92 -26.29 -1.58
C ALA B 121 -5.21 -24.96 -1.38
N ILE B 122 -4.42 -24.83 -0.31
CA ILE B 122 -3.75 -23.58 0.02
C ILE B 122 -2.76 -23.18 -1.06
N PHE B 123 -1.98 -24.12 -1.57
CA PHE B 123 -0.99 -23.76 -2.57
C PHE B 123 -1.64 -23.55 -3.93
N ALA B 124 -2.74 -24.26 -4.21
CA ALA B 124 -3.49 -23.95 -5.43
C ALA B 124 -4.04 -22.53 -5.39
N MET B 125 -4.71 -22.16 -4.29
CA MET B 125 -5.29 -20.82 -4.17
C MET B 125 -4.22 -19.76 -4.03
N LEU B 126 -3.09 -20.09 -3.40
CA LEU B 126 -1.98 -19.14 -3.30
C LEU B 126 -1.54 -18.63 -4.67
N SER B 127 -1.66 -19.46 -5.71
CA SER B 127 -1.32 -19.00 -7.06
C SER B 127 -2.11 -17.75 -7.44
N SER B 128 -3.36 -17.66 -6.99
CA SER B 128 -4.19 -16.52 -7.36
C SER B 128 -3.58 -15.19 -6.92
N VAL B 129 -2.81 -15.17 -5.82
CA VAL B 129 -2.22 -13.93 -5.33
C VAL B 129 -0.73 -13.81 -5.66
N MET B 130 -0.21 -14.67 -6.55
CA MET B 130 1.18 -14.59 -6.98
C MET B 130 1.29 -14.09 -8.41
N ASN B 131 2.36 -13.31 -8.68
CA ASN B 131 2.83 -13.20 -10.05
C ASN B 131 4.31 -13.55 -10.07
N LYS B 132 4.98 -13.39 -11.21
CA LYS B 132 6.36 -13.84 -11.28
C LYS B 132 7.28 -13.06 -10.36
N ASP B 133 6.83 -11.93 -9.80
CA ASP B 133 7.70 -11.07 -9.00
C ASP B 133 7.45 -11.12 -7.51
N GLY B 134 6.33 -11.69 -7.07
CA GLY B 134 6.05 -11.72 -5.65
C GLY B 134 4.62 -12.16 -5.38
N MET B 135 4.24 -12.03 -4.10
CA MET B 135 2.95 -12.51 -3.66
C MET B 135 2.30 -11.51 -2.71
N LEU B 136 0.99 -11.31 -2.87
CA LEU B 136 0.23 -10.44 -1.99
C LEU B 136 0.12 -11.04 -0.60
N VAL B 137 0.23 -10.18 0.41
CA VAL B 137 -0.02 -10.55 1.79
C VAL B 137 -0.99 -9.53 2.38
N ALA B 138 -1.48 -9.85 3.58
CA ALA B 138 -2.35 -8.97 4.35
C ALA B 138 -3.56 -8.54 3.53
N TYR B 139 -4.30 -9.54 3.04
CA TYR B 139 -5.54 -9.34 2.29
C TYR B 139 -5.34 -8.37 1.12
N GLY B 140 -4.20 -8.49 0.46
CA GLY B 140 -3.94 -7.69 -0.72
C GLY B 140 -3.22 -6.38 -0.47
N ASN B 141 -2.91 -6.04 0.77
CA ASN B 141 -2.37 -4.73 1.08
C ASN B 141 -0.85 -4.66 1.08
N GLY B 142 -0.18 -5.82 1.12
CA GLY B 142 1.25 -5.91 0.98
C GLY B 142 1.65 -6.81 -0.18
N PHE B 143 2.92 -6.73 -0.57
CA PHE B 143 3.47 -7.50 -1.68
C PHE B 143 4.89 -7.85 -1.27
N ILE B 144 5.15 -9.13 -0.98
CA ILE B 144 6.50 -9.59 -0.65
C ILE B 144 7.14 -10.05 -1.95
N THR B 145 8.31 -9.53 -2.26
CA THR B 145 8.90 -9.86 -3.55
C THR B 145 9.52 -11.25 -3.50
N ARG B 146 9.50 -11.90 -4.65
CA ARG B 146 10.05 -13.25 -4.77
C ARG B 146 11.55 -13.27 -4.54
N GLU B 147 12.27 -12.22 -4.99
CA GLU B 147 13.70 -12.14 -4.74
C GLU B 147 14.01 -11.96 -3.26
N PHE B 148 13.25 -11.11 -2.56
CA PHE B 148 13.46 -10.99 -1.11
C PHE B 148 13.33 -12.34 -0.42
N LEU B 149 12.29 -13.11 -0.78
CA LEU B 149 12.13 -14.43 -0.17
C LEU B 149 13.34 -15.33 -0.49
N LYS B 150 13.84 -15.28 -1.73
CA LYS B 150 15.04 -16.06 -2.06
C LYS B 150 16.29 -15.54 -1.38
N SER B 151 16.29 -14.29 -0.89
CA SER B 151 17.48 -13.73 -0.25
C SER B 151 17.60 -14.14 1.21
N LEU B 152 16.54 -14.69 1.81
CA LEU B 152 16.61 -15.05 3.22
C LEU B 152 17.64 -16.14 3.41
N ARG B 153 18.06 -16.35 4.65
CA ARG B 153 19.04 -17.39 4.91
C ARG B 153 18.41 -18.77 4.79
N LYS B 154 19.23 -19.74 4.42
CA LYS B 154 18.79 -21.12 4.40
C LYS B 154 18.35 -21.54 5.80
N PRO B 155 17.32 -22.39 5.93
CA PRO B 155 16.59 -22.97 4.80
C PRO B 155 15.32 -22.17 4.41
N PHE B 156 15.11 -21.03 5.06
CA PHE B 156 13.90 -20.25 4.84
C PHE B 156 13.79 -19.77 3.40
N CYS B 157 14.91 -19.49 2.74
CA CYS B 157 14.89 -19.07 1.35
C CYS B 157 14.37 -20.14 0.41
N ASP B 158 14.28 -21.39 0.86
CA ASP B 158 13.83 -22.48 0.01
C ASP B 158 12.34 -22.81 0.19
N ILE B 159 11.64 -22.10 1.07
CA ILE B 159 10.24 -22.45 1.35
C ILE B 159 9.33 -22.06 0.20
N MET B 160 9.35 -20.78 -0.19
CA MET B 160 8.29 -20.29 -1.06
C MET B 160 8.58 -20.45 -2.55
N GLU B 161 9.85 -20.52 -2.96
CA GLU B 161 10.16 -20.53 -4.38
C GLU B 161 9.52 -21.71 -5.12
N PRO B 162 9.41 -22.91 -4.53
CA PRO B 162 8.70 -23.97 -5.28
C PRO B 162 7.21 -23.66 -5.43
N LYS B 163 6.63 -22.88 -4.52
CA LYS B 163 5.23 -22.53 -4.68
C LYS B 163 5.04 -21.53 -5.82
N PHE B 164 5.96 -20.56 -5.92
CA PHE B 164 5.98 -19.68 -7.08
C PHE B 164 6.12 -20.48 -8.37
N ASP B 165 7.04 -21.45 -8.39
CA ASP B 165 7.27 -22.27 -9.58
C ASP B 165 5.99 -22.98 -9.99
N PHE B 166 5.31 -23.59 -9.02
CA PHE B 166 4.01 -24.20 -9.31
C PHE B 166 3.00 -23.15 -9.78
N ALA B 167 3.01 -21.97 -9.16
CA ALA B 167 1.97 -20.98 -9.45
C ALA B 167 2.09 -20.39 -10.86
N MET B 168 3.32 -20.14 -11.32
CA MET B 168 3.46 -19.56 -12.66
C MET B 168 2.88 -20.49 -13.72
N LYS B 169 3.08 -21.80 -13.58
CA LYS B 169 2.50 -22.73 -14.54
C LYS B 169 1.01 -22.92 -14.31
N PHE B 170 0.58 -22.94 -13.04
CA PHE B 170 -0.85 -23.06 -12.76
C PHE B 170 -1.62 -21.87 -13.30
N ASN B 171 -1.10 -20.65 -13.10
CA ASN B 171 -1.76 -19.46 -13.60
C ASN B 171 -1.80 -19.43 -15.13
N ALA B 172 -0.87 -20.12 -15.78
CA ALA B 172 -0.89 -20.20 -17.24
C ALA B 172 -2.13 -20.89 -17.77
N LEU B 173 -2.82 -21.67 -16.93
CA LEU B 173 -4.09 -22.26 -17.32
C LEU B 173 -5.24 -21.25 -17.34
N GLU B 174 -5.04 -20.08 -16.73
CA GLU B 174 -6.07 -19.04 -16.77
C GLU B 174 -7.39 -19.49 -16.16
N LEU B 175 -7.33 -20.21 -15.06
CA LEU B 175 -8.57 -20.48 -14.34
C LEU B 175 -9.17 -19.19 -13.75
N ASP B 176 -10.49 -19.18 -13.64
CA ASP B 176 -11.21 -18.17 -12.88
C ASP B 176 -11.78 -18.80 -11.61
N ASP B 177 -12.38 -17.96 -10.76
CA ASP B 177 -12.87 -18.42 -9.46
C ASP B 177 -13.88 -19.55 -9.59
N SER B 178 -14.70 -19.54 -10.65
CA SER B 178 -15.68 -20.62 -10.80
C SER B 178 -14.99 -21.96 -11.09
N ASP B 179 -13.86 -21.96 -11.79
CA ASP B 179 -13.06 -23.19 -11.92
C ASP B 179 -12.39 -23.57 -10.60
N ILE B 180 -11.74 -22.59 -9.96
CA ILE B 180 -10.92 -22.86 -8.79
C ILE B 180 -11.77 -23.40 -7.65
N SER B 181 -12.98 -22.87 -7.47
CA SER B 181 -13.86 -23.38 -6.41
C SER B 181 -14.10 -24.88 -6.58
N LEU B 182 -14.45 -25.32 -7.79
CA LEU B 182 -14.67 -26.74 -8.02
C LEU B 182 -13.39 -27.56 -7.90
N PHE B 183 -12.26 -26.98 -8.32
CA PHE B 183 -10.97 -27.67 -8.17
C PHE B 183 -10.60 -27.86 -6.70
N VAL B 184 -10.79 -26.83 -5.87
CA VAL B 184 -10.53 -26.96 -4.44
C VAL B 184 -11.45 -28.00 -3.81
N ALA B 185 -12.75 -27.99 -4.19
CA ALA B 185 -13.68 -29.00 -3.70
C ALA B 185 -13.19 -30.41 -4.06
N ALA B 186 -12.67 -30.58 -5.28
CA ALA B 186 -12.18 -31.88 -5.72
C ALA B 186 -10.96 -32.31 -4.91
N ILE B 187 -10.12 -31.36 -4.55
CA ILE B 187 -8.96 -31.66 -3.72
C ILE B 187 -9.41 -32.18 -2.36
N ILE B 188 -10.41 -31.54 -1.76
CA ILE B 188 -10.88 -31.95 -0.44
C ILE B 188 -11.50 -33.35 -0.50
N CYS B 189 -12.15 -33.70 -1.59
CA CYS B 189 -12.89 -34.96 -1.70
C CYS B 189 -12.03 -36.17 -2.08
N CYS B 190 -10.71 -36.01 -2.11
CA CYS B 190 -9.82 -37.07 -2.54
C CYS B 190 -10.05 -38.36 -1.74
N GLY B 191 -10.47 -39.42 -2.44
CA GLY B 191 -10.77 -40.69 -1.77
C GLY B 191 -9.59 -41.53 -1.35
N ASP B 192 -8.35 -41.08 -1.49
CA ASP B 192 -7.26 -41.98 -1.19
C ASP B 192 -6.30 -41.44 -0.13
N ARG B 193 -6.80 -40.59 0.76
CA ARG B 193 -6.01 -40.14 1.89
C ARG B 193 -5.74 -41.31 2.85
N PRO B 194 -4.60 -41.31 3.52
CA PRO B 194 -4.33 -42.36 4.51
C PRO B 194 -5.36 -42.36 5.62
N GLY B 195 -5.85 -43.55 5.95
CA GLY B 195 -6.72 -43.72 7.10
C GLY B 195 -8.18 -43.40 6.87
N LEU B 196 -8.61 -43.16 5.64
CA LEU B 196 -10.04 -42.98 5.41
C LEU B 196 -10.76 -44.26 5.79
N LEU B 197 -11.93 -44.11 6.42
CA LEU B 197 -12.76 -45.22 6.86
C LEU B 197 -13.75 -45.65 5.79
N ASN B 198 -14.67 -44.76 5.43
CA ASN B 198 -15.70 -45.06 4.43
C ASN B 198 -15.24 -44.60 3.05
N VAL B 199 -14.26 -45.34 2.51
CA VAL B 199 -13.70 -44.99 1.20
C VAL B 199 -14.79 -45.03 0.13
N GLY B 200 -15.65 -46.05 0.18
CA GLY B 200 -16.72 -46.15 -0.80
C GLY B 200 -17.59 -44.91 -0.85
N HIS B 201 -18.07 -44.45 0.32
CA HIS B 201 -18.88 -43.23 0.36
C HIS B 201 -18.10 -42.02 -0.12
N ILE B 202 -16.83 -41.88 0.31
CA ILE B 202 -16.05 -40.71 -0.08
C ILE B 202 -15.86 -40.68 -1.60
N GLU B 203 -15.65 -41.85 -2.20
CA GLU B 203 -15.38 -41.91 -3.63
C GLU B 203 -16.60 -41.52 -4.44
N LYS B 204 -17.79 -41.89 -3.95
CA LYS B 204 -19.03 -41.41 -4.55
C LYS B 204 -19.15 -39.89 -4.44
N MET B 205 -18.89 -39.33 -3.24
CA MET B 205 -18.89 -37.87 -3.10
C MET B 205 -17.89 -37.23 -4.07
N GLN B 206 -16.68 -37.80 -4.16
CA GLN B 206 -15.65 -37.28 -5.04
C GLN B 206 -16.09 -37.31 -6.50
N GLU B 207 -16.64 -38.45 -6.93
CA GLU B 207 -17.06 -38.57 -8.32
C GLU B 207 -18.06 -37.48 -8.71
N GLY B 208 -19.00 -37.15 -7.82
CA GLY B 208 -19.97 -36.13 -8.15
C GLY B 208 -19.33 -34.77 -8.39
N ILE B 209 -18.41 -34.37 -7.50
CA ILE B 209 -17.68 -33.12 -7.66
C ILE B 209 -16.83 -33.14 -8.92
N VAL B 210 -16.12 -34.25 -9.15
CA VAL B 210 -15.17 -34.32 -10.26
C VAL B 210 -15.91 -34.31 -11.59
N HIS B 211 -17.09 -34.93 -11.64
CA HIS B 211 -17.94 -34.87 -12.84
C HIS B 211 -18.37 -33.43 -13.14
N VAL B 212 -18.84 -32.71 -12.12
CA VAL B 212 -19.20 -31.30 -12.32
C VAL B 212 -17.98 -30.49 -12.74
N LEU B 213 -16.83 -30.72 -12.07
CA LEU B 213 -15.61 -30.02 -12.48
C LEU B 213 -15.33 -30.22 -13.96
N ARG B 214 -15.38 -31.47 -14.43
CA ARG B 214 -15.07 -31.76 -15.83
C ARG B 214 -16.01 -31.01 -16.75
N LEU B 215 -17.33 -31.18 -16.56
CA LEU B 215 -18.30 -30.56 -17.46
C LEU B 215 -18.22 -29.04 -17.38
N HIS B 216 -17.95 -28.50 -16.18
CA HIS B 216 -17.80 -27.05 -16.06
C HIS B 216 -16.59 -26.54 -16.83
N LEU B 217 -15.48 -27.28 -16.79
CA LEU B 217 -14.31 -26.84 -17.54
C LEU B 217 -14.56 -26.90 -19.04
N GLN B 218 -15.16 -28.00 -19.51
CA GLN B 218 -15.52 -28.09 -20.93
C GLN B 218 -16.40 -26.92 -21.34
N SER B 219 -17.41 -26.60 -20.53
CA SER B 219 -18.29 -25.47 -20.83
C SER B 219 -17.54 -24.14 -20.74
N ASN B 220 -16.81 -23.90 -19.64
CA ASN B 220 -16.22 -22.60 -19.36
C ASN B 220 -14.92 -22.35 -20.14
N HIS B 221 -14.21 -23.39 -20.58
CA HIS B 221 -12.97 -23.23 -21.33
C HIS B 221 -12.99 -24.07 -22.59
N PRO B 222 -13.95 -23.82 -23.48
CA PRO B 222 -14.10 -24.68 -24.66
C PRO B 222 -12.85 -24.77 -25.53
N ASP B 223 -11.98 -23.77 -25.50
CA ASP B 223 -10.79 -23.78 -26.35
C ASP B 223 -9.57 -24.42 -25.68
N ASP B 224 -9.70 -24.97 -24.47
CA ASP B 224 -8.61 -25.71 -23.82
C ASP B 224 -9.15 -27.12 -23.58
N ILE B 225 -9.09 -27.95 -24.62
CA ILE B 225 -9.93 -29.15 -24.66
C ILE B 225 -9.55 -30.11 -23.53
N PHE B 226 -8.26 -30.25 -23.24
CA PHE B 226 -7.81 -31.16 -22.21
C PHE B 226 -7.43 -30.43 -20.92
N LEU B 227 -8.11 -29.31 -20.63
CA LEU B 227 -7.91 -28.62 -19.35
C LEU B 227 -8.19 -29.54 -18.16
N PHE B 228 -9.28 -30.31 -18.23
CA PHE B 228 -9.58 -31.25 -17.13
C PHE B 228 -8.42 -32.21 -16.88
N PRO B 229 -7.93 -32.96 -17.86
CA PRO B 229 -6.75 -33.81 -17.60
C PRO B 229 -5.54 -33.02 -17.10
N LYS B 230 -5.29 -31.81 -17.64
CA LYS B 230 -4.21 -30.97 -17.11
C LYS B 230 -4.41 -30.70 -15.63
N LEU B 231 -5.66 -30.49 -15.21
CA LEU B 231 -5.88 -30.20 -13.80
C LEU B 231 -5.75 -31.44 -12.93
N LEU B 232 -6.10 -32.62 -13.45
CA LEU B 232 -5.82 -33.85 -12.72
C LEU B 232 -4.31 -33.98 -12.45
N GLN B 233 -3.46 -33.63 -13.42
CA GLN B 233 -2.03 -33.65 -13.17
C GLN B 233 -1.63 -32.60 -12.13
N LYS B 234 -2.18 -31.39 -12.20
CA LYS B 234 -1.90 -30.40 -11.17
C LYS B 234 -2.27 -30.92 -9.78
N MET B 235 -3.35 -31.69 -9.66
CA MET B 235 -3.66 -32.29 -8.37
C MET B 235 -2.53 -33.19 -7.91
N ALA B 236 -1.99 -34.01 -8.81
CA ALA B 236 -0.86 -34.86 -8.44
C ALA B 236 0.38 -34.02 -8.14
N ASP B 237 0.62 -32.94 -8.91
CA ASP B 237 1.74 -32.06 -8.61
C ASP B 237 1.59 -31.43 -7.22
N LEU B 238 0.36 -31.03 -6.87
CA LEU B 238 0.14 -30.43 -5.56
C LEU B 238 0.42 -31.42 -4.43
N ARG B 239 0.05 -32.69 -4.62
CA ARG B 239 0.36 -33.67 -3.58
C ARG B 239 1.87 -33.78 -3.39
N GLN B 240 2.62 -33.80 -4.50
CA GLN B 240 4.07 -33.81 -4.41
C GLN B 240 4.60 -32.53 -3.76
N LEU B 241 4.05 -31.38 -4.15
CA LEU B 241 4.50 -30.11 -3.57
C LEU B 241 4.31 -30.10 -2.06
N VAL B 242 3.17 -30.57 -1.57
CA VAL B 242 2.90 -30.55 -0.14
C VAL B 242 3.77 -31.57 0.60
N THR B 243 3.98 -32.75 -0.01
CA THR B 243 4.88 -33.73 0.59
C THR B 243 6.27 -33.14 0.82
N GLU B 244 6.83 -32.48 -0.20
CA GLU B 244 8.12 -31.83 -0.04
C GLU B 244 8.06 -30.66 0.95
N HIS B 245 6.95 -29.91 0.97
CA HIS B 245 6.79 -28.84 1.96
C HIS B 245 6.84 -29.39 3.39
N ALA B 246 6.13 -30.49 3.64
CA ALA B 246 6.15 -31.13 4.96
C ALA B 246 7.57 -31.56 5.35
N GLN B 247 8.32 -32.14 4.41
CA GLN B 247 9.72 -32.46 4.70
C GLN B 247 10.48 -31.21 5.12
N LEU B 248 10.31 -30.12 4.36
CA LEU B 248 11.01 -28.89 4.71
C LEU B 248 10.54 -28.36 6.07
N VAL B 249 9.25 -28.47 6.37
CA VAL B 249 8.77 -28.13 7.70
C VAL B 249 9.48 -29.00 8.74
N GLN B 250 9.66 -30.29 8.43
CA GLN B 250 10.32 -31.18 9.38
C GLN B 250 11.78 -30.77 9.60
N ILE B 251 12.48 -30.40 8.53
CA ILE B 251 13.87 -29.98 8.67
C ILE B 251 13.97 -28.80 9.61
N ILE B 252 13.06 -27.83 9.48
CA ILE B 252 13.08 -26.69 10.40
C ILE B 252 12.81 -27.15 11.82
N LYS B 253 11.85 -28.07 12.00
CA LYS B 253 11.58 -28.58 13.34
C LYS B 253 12.84 -29.16 13.97
N LYS B 254 13.63 -29.92 13.19
CA LYS B 254 14.79 -30.62 13.74
C LYS B 254 15.99 -29.68 13.93
N THR B 255 16.16 -28.67 13.07
CA THR B 255 17.40 -27.91 13.06
C THR B 255 17.31 -26.50 13.61
N GLU B 256 16.11 -25.95 13.79
CA GLU B 256 15.97 -24.55 14.22
C GLU B 256 15.68 -24.51 15.72
N SER B 257 16.40 -23.64 16.42
CA SER B 257 16.34 -23.59 17.88
C SER B 257 14.94 -23.26 18.36
N ASP B 258 14.45 -24.03 19.32
CA ASP B 258 13.14 -23.82 19.95
C ASP B 258 11.99 -23.91 18.95
N ALA B 259 12.21 -24.56 17.80
CA ALA B 259 11.24 -24.50 16.71
C ALA B 259 9.94 -25.20 17.08
N ALA B 260 8.83 -24.47 16.93
CA ALA B 260 7.49 -25.01 17.14
C ALA B 260 6.53 -24.39 16.13
N LEU B 261 5.75 -25.24 15.47
CA LEU B 261 4.69 -24.77 14.59
C LEU B 261 3.65 -23.97 15.36
N HIS B 262 2.96 -23.11 14.64
CA HIS B 262 1.75 -22.51 15.18
C HIS B 262 0.93 -23.60 15.88
N PRO B 263 0.48 -23.37 17.12
CA PRO B 263 -0.37 -24.35 17.81
C PRO B 263 -1.39 -25.02 16.90
N LEU B 264 -2.01 -24.25 16.01
CA LEU B 264 -3.16 -24.72 15.26
C LEU B 264 -2.78 -25.41 13.95
N LEU B 265 -1.50 -25.48 13.62
CA LEU B 265 -1.02 -26.27 12.49
C LEU B 265 -0.35 -27.57 12.92
N GLN B 266 -0.11 -27.74 14.23
CA GLN B 266 0.68 -28.87 14.69
C GLN B 266 -0.04 -30.20 14.41
N GLU B 267 -1.34 -30.25 14.69
CA GLU B 267 -2.09 -31.48 14.44
C GLU B 267 -2.07 -31.84 12.95
N ILE B 268 -2.28 -30.85 12.09
CA ILE B 268 -2.23 -31.08 10.64
C ILE B 268 -0.92 -31.76 10.24
N TYR B 269 0.20 -31.29 10.78
CA TYR B 269 1.48 -31.83 10.33
C TYR B 269 1.88 -33.11 11.03
N ARG B 270 1.25 -33.43 12.17
CA ARG B 270 1.63 -34.63 12.90
C ARG B 270 1.43 -35.86 12.02
N ASP B 271 2.50 -36.63 11.80
CA ASP B 271 2.41 -37.91 11.09
C ASP B 271 1.73 -37.76 9.73
N MET B 272 2.01 -36.66 9.03
CA MET B 272 1.33 -36.43 7.75
C MET B 272 1.96 -37.25 6.64
N TYR B 273 3.24 -37.03 6.38
CA TYR B 273 3.98 -37.81 5.41
C TYR B 273 5.30 -38.30 6.02
#